data_1EVN
#
_entry.id   1EVN
#
_cell.length_a   1.000
_cell.length_b   1.000
_cell.length_c   1.000
_cell.angle_alpha   90.00
_cell.angle_beta   90.00
_cell.angle_gamma   90.00
#
_symmetry.space_group_name_H-M   'P 1'
#
_entity_poly.entity_id   1
_entity_poly.type   'polydeoxyribonucleotide'
_entity_poly.pdbx_seq_one_letter_code
;(DA)(DG)(DG)(DG)(DT)
;
_entity_poly.pdbx_strand_id   M,N,O,P
#